data_1IOD
#
_entry.id   1IOD
#
_cell.length_a   99.76
_cell.length_b   99.76
_cell.length_c   90.42
_cell.angle_alpha   90.00
_cell.angle_beta   90.00
_cell.angle_gamma   90.00
#
_symmetry.space_group_name_H-M   'P 41 21 2'
#
loop_
_entity.id
_entity.type
_entity.pdbx_description
1 polymer 'COAGULATION FACTOR X BINDING PROTEIN'
2 polymer 'COAGULATION FACTOR X BINDING PROTEIN'
3 polymer 'COAGULATION FACTOR X GLA DOMAIN'
4 non-polymer 'CALCIUM ION'
5 water water
#
loop_
_entity_poly.entity_id
_entity_poly.type
_entity_poly.pdbx_seq_one_letter_code
_entity_poly.pdbx_strand_id
1 'polypeptide(L)'
;DCSSGWSSYEGHCYKVFKQSKTWADAESFCTKQVNGGHLVSIESSGEADFVGQLIAQKIKSAKIHVWIGLRAQNKEKQCS
IEWSDGSSISYENWIEEESKKCLGVHIETGFHKWENFYCEQQDPFVCEA
;
A
2 'polypeptide(L)'
;DCPSDWSSYEGHCYKPFNEPKNWADAENFCTQQHTGSHLVSFQSTEEADFVVKLAFQTFDYGIFWMGLSKIWNQCNWQWS
NAAMLKYTDWAEESYCVYFKSTNNKWRSITCRMIANFVCEFQA
;
B
3 'polypeptide(L)'
;ANSFL(CGU)(CGU)VKQGNL(CGU)R(CGU)CL(CGU)(CGU)ACSL(CGU)(CGU)AR(CGU)VF(CGU)DA(CGU)Q
TD(CGU)FWSKY
;
G
#
loop_
_chem_comp.id
_chem_comp.type
_chem_comp.name
_chem_comp.formula
CA non-polymer 'CALCIUM ION' 'Ca 2'
#
# COMPACT_ATOMS: atom_id res chain seq x y z
N ASP A 1 6.96 5.27 35.96
CA ASP A 1 6.17 6.30 36.71
C ASP A 1 5.37 7.11 35.71
N CYS A 2 4.14 6.68 35.50
CA CYS A 2 3.27 7.27 34.53
C CYS A 2 1.88 7.40 35.12
N SER A 3 0.97 7.92 34.32
CA SER A 3 -0.39 8.05 34.75
C SER A 3 -0.89 6.63 34.96
N SER A 4 -2.03 6.46 35.61
CA SER A 4 -2.59 5.14 35.86
C SER A 4 -2.85 4.42 34.53
N GLY A 5 -2.56 3.13 34.46
CA GLY A 5 -2.78 2.39 33.23
C GLY A 5 -1.75 2.59 32.12
N TRP A 6 -0.67 3.33 32.40
CA TRP A 6 0.38 3.55 31.41
C TRP A 6 1.62 2.77 31.81
N SER A 7 2.35 2.25 30.82
CA SER A 7 3.56 1.47 31.08
C SER A 7 4.84 2.22 30.77
N SER A 8 5.83 2.05 31.65
CA SER A 8 7.10 2.72 31.48
C SER A 8 8.16 1.92 30.76
N TYR A 9 8.97 2.62 29.99
CA TYR A 9 10.09 2.02 29.29
C TYR A 9 11.00 3.17 28.91
N GLU A 10 12.19 3.16 29.50
CA GLU A 10 13.20 4.18 29.25
C GLU A 10 12.69 5.59 29.55
N GLY A 11 12.00 5.75 30.67
CA GLY A 11 11.51 7.09 31.02
C GLY A 11 10.47 7.65 30.09
N HIS A 12 9.70 6.76 29.47
CA HIS A 12 8.64 7.14 28.57
C HIS A 12 7.46 6.30 28.99
N CYS A 13 6.26 6.83 28.81
CA CYS A 13 5.05 6.15 29.17
C CYS A 13 4.29 5.76 27.91
N TYR A 14 3.67 4.59 27.94
CA TYR A 14 2.97 4.06 26.77
C TYR A 14 1.65 3.45 27.16
N LYS A 15 0.69 3.51 26.24
CA LYS A 15 -0.61 2.92 26.46
C LYS A 15 -1.26 2.50 25.15
N VAL A 16 -1.73 1.26 25.11
CA VAL A 16 -2.41 0.70 23.94
C VAL A 16 -3.90 0.96 24.07
N PHE A 17 -4.49 1.54 23.03
CA PHE A 17 -5.91 1.85 23.03
C PHE A 17 -6.65 0.98 22.04
N LYS A 18 -7.65 0.26 22.53
CA LYS A 18 -8.44 -0.63 21.69
C LYS A 18 -9.45 0.07 20.79
N GLN A 19 -9.76 1.34 21.08
CA GLN A 19 -10.71 2.08 20.27
C GLN A 19 -10.14 2.32 18.87
N SER A 20 -10.96 2.12 17.86
CA SER A 20 -10.55 2.32 16.48
C SER A 20 -10.72 3.75 16.04
N LYS A 21 -9.63 4.34 15.57
CA LYS A 21 -9.63 5.72 15.08
C LYS A 21 -8.77 5.81 13.84
N THR A 22 -9.01 6.83 13.02
CA THR A 22 -8.18 7.02 11.84
C THR A 22 -6.83 7.44 12.42
N TRP A 23 -5.79 7.41 11.60
CA TRP A 23 -4.46 7.80 12.06
C TRP A 23 -4.48 9.22 12.63
N ALA A 24 -5.13 10.14 11.93
CA ALA A 24 -5.20 11.53 12.37
C ALA A 24 -5.89 11.69 13.72
N ASP A 25 -7.06 11.07 13.89
CA ASP A 25 -7.79 11.18 15.15
C ASP A 25 -7.06 10.53 16.29
N ALA A 26 -6.38 9.43 15.99
CA ALA A 26 -5.62 8.68 16.98
C ALA A 26 -4.53 9.60 17.49
N GLU A 27 -3.88 10.32 16.58
CA GLU A 27 -2.81 11.25 16.92
C GLU A 27 -3.29 12.36 17.85
N SER A 28 -4.39 13.02 17.49
CA SER A 28 -4.95 14.09 18.30
C SER A 28 -5.32 13.55 19.67
N PHE A 29 -5.95 12.38 19.69
CA PHE A 29 -6.35 11.72 20.91
C PHE A 29 -5.16 11.61 21.86
N CYS A 30 -4.04 11.12 21.36
CA CYS A 30 -2.84 10.96 22.16
C CYS A 30 -2.33 12.26 22.76
N THR A 31 -2.40 13.34 21.98
CA THR A 31 -1.94 14.62 22.47
C THR A 31 -2.87 15.19 23.56
N LYS A 32 -4.09 14.66 23.67
CA LYS A 32 -5.04 15.14 24.66
C LYS A 32 -5.11 14.26 25.92
N GLN A 33 -4.50 13.07 25.87
CA GLN A 33 -4.50 12.16 27.02
C GLN A 33 -3.38 12.46 28.00
N VAL A 34 -2.19 12.68 27.47
CA VAL A 34 -1.04 12.93 28.31
C VAL A 34 -0.22 14.12 27.86
N ASN A 35 0.49 14.71 28.81
CA ASN A 35 1.35 15.84 28.53
C ASN A 35 2.40 15.42 27.49
N GLY A 36 2.36 16.04 26.32
CA GLY A 36 3.30 15.73 25.27
C GLY A 36 3.07 14.41 24.55
N GLY A 37 1.85 13.86 24.65
CA GLY A 37 1.55 12.60 24.00
C GLY A 37 1.47 12.66 22.50
N HIS A 38 1.82 11.56 21.85
CA HIS A 38 1.78 11.43 20.38
C HIS A 38 1.67 9.95 20.14
N LEU A 39 1.47 9.58 18.87
CA LEU A 39 1.42 8.17 18.52
C LEU A 39 2.83 7.67 18.83
N VAL A 40 2.94 6.41 19.20
CA VAL A 40 4.23 5.83 19.55
C VAL A 40 5.28 6.02 18.44
N SER A 41 6.50 6.32 18.86
CA SER A 41 7.61 6.49 17.93
C SER A 41 8.62 5.39 18.24
N ILE A 42 8.70 4.40 17.37
CA ILE A 42 9.61 3.29 17.57
C ILE A 42 11.00 3.66 17.07
N GLU A 43 11.79 4.18 18.00
CA GLU A 43 13.14 4.64 17.68
C GLU A 43 14.27 3.66 17.94
N SER A 44 13.96 2.43 18.32
CA SER A 44 15.02 1.48 18.57
C SER A 44 14.53 0.04 18.65
N SER A 45 15.50 -0.85 18.49
CA SER A 45 15.30 -2.28 18.55
C SER A 45 14.57 -2.67 19.85
N GLY A 46 15.07 -2.15 20.97
CA GLY A 46 14.48 -2.44 22.26
C GLY A 46 13.09 -1.87 22.44
N GLU A 47 12.90 -0.66 21.94
CA GLU A 47 11.59 -0.02 22.05
C GLU A 47 10.58 -0.84 21.25
N ALA A 48 10.99 -1.26 20.06
CA ALA A 48 10.16 -2.08 19.19
C ALA A 48 9.76 -3.35 19.93
N ASP A 49 10.72 -3.97 20.60
CA ASP A 49 10.47 -5.18 21.35
C ASP A 49 9.45 -4.93 22.46
N PHE A 50 9.70 -3.90 23.24
CA PHE A 50 8.79 -3.55 24.34
C PHE A 50 7.37 -3.26 23.86
N VAL A 51 7.25 -2.38 22.87
CA VAL A 51 5.95 -1.99 22.31
C VAL A 51 5.23 -3.16 21.63
N GLY A 52 5.98 -4.03 20.96
CA GLY A 52 5.38 -5.19 20.33
C GLY A 52 4.76 -6.06 21.39
N GLN A 53 5.47 -6.28 22.49
CA GLN A 53 4.95 -7.09 23.57
C GLN A 53 3.77 -6.41 24.27
N LEU A 54 3.87 -5.10 24.42
CA LEU A 54 2.81 -4.31 25.06
C LEU A 54 1.49 -4.42 24.29
N ILE A 55 1.58 -4.31 22.97
CA ILE A 55 0.41 -4.38 22.10
C ILE A 55 -0.18 -5.79 22.13
N ALA A 56 0.69 -6.79 22.06
CA ALA A 56 0.28 -8.19 22.04
C ALA A 56 -0.60 -8.57 23.21
N GLN A 57 -0.51 -7.80 24.30
CA GLN A 57 -1.29 -8.04 25.49
C GLN A 57 -2.75 -7.66 25.34
N LYS A 58 -3.04 -6.64 24.55
CA LYS A 58 -4.42 -6.20 24.37
C LYS A 58 -5.01 -6.57 23.02
N ILE A 59 -4.20 -6.58 21.98
CA ILE A 59 -4.67 -6.87 20.64
C ILE A 59 -4.43 -8.31 20.20
N LYS A 60 -5.49 -9.04 19.91
CA LYS A 60 -5.35 -10.43 19.46
C LYS A 60 -5.89 -10.68 18.06
N SER A 61 -6.54 -9.67 17.48
CA SER A 61 -7.12 -9.82 16.16
C SER A 61 -6.12 -9.62 15.03
N ALA A 62 -6.34 -10.34 13.93
CA ALA A 62 -5.50 -10.25 12.75
C ALA A 62 -6.26 -9.51 11.66
N LYS A 63 -7.51 -9.16 11.96
CA LYS A 63 -8.35 -8.45 11.02
C LYS A 63 -7.99 -6.96 10.97
N ILE A 64 -7.26 -6.49 11.98
CA ILE A 64 -6.87 -5.08 12.05
C ILE A 64 -5.37 -4.90 12.28
N HIS A 65 -4.94 -3.63 12.32
CA HIS A 65 -3.54 -3.29 12.57
C HIS A 65 -3.51 -2.23 13.67
N VAL A 66 -2.33 -1.90 14.17
CA VAL A 66 -2.17 -0.92 15.23
C VAL A 66 -1.39 0.27 14.69
N TRP A 67 -1.96 1.46 14.73
CA TRP A 67 -1.31 2.67 14.22
C TRP A 67 -0.08 3.07 15.02
N ILE A 68 0.98 3.49 14.31
CA ILE A 68 2.20 4.00 14.95
C ILE A 68 2.40 5.41 14.37
N GLY A 69 3.25 6.21 15.02
CA GLY A 69 3.46 7.59 14.60
C GLY A 69 4.18 8.00 13.33
N LEU A 70 4.35 7.11 12.35
CA LEU A 70 5.04 7.49 11.10
C LEU A 70 4.05 7.73 9.97
N ARG A 71 4.21 8.86 9.29
CA ARG A 71 3.34 9.23 8.17
C ARG A 71 4.11 10.04 7.15
N ALA A 72 3.71 9.94 5.88
CA ALA A 72 4.32 10.72 4.82
C ALA A 72 3.49 11.99 4.79
N GLN A 73 4.15 13.12 4.96
CA GLN A 73 3.46 14.41 4.98
C GLN A 73 3.04 14.93 3.61
N ASN A 74 3.75 14.53 2.57
CA ASN A 74 3.44 14.95 1.21
C ASN A 74 1.97 14.74 0.90
N LYS A 75 1.35 15.74 0.29
CA LYS A 75 -0.06 15.66 -0.06
C LYS A 75 -0.28 14.92 -1.38
N GLU A 76 0.75 14.91 -2.22
CA GLU A 76 0.64 14.24 -3.50
C GLU A 76 0.56 12.72 -3.33
N LYS A 77 0.08 12.04 -4.37
CA LYS A 77 -0.09 10.59 -4.36
C LYS A 77 1.20 9.79 -4.44
N GLN A 78 2.21 10.37 -5.10
CA GLN A 78 3.51 9.72 -5.22
C GLN A 78 4.52 10.84 -5.03
N CYS A 79 5.75 10.49 -4.65
CA CYS A 79 6.73 11.53 -4.40
C CYS A 79 7.95 11.52 -5.31
N SER A 80 8.25 12.69 -5.87
CA SER A 80 9.41 12.94 -6.73
C SER A 80 9.78 11.99 -7.86
N ILE A 81 8.78 11.24 -8.34
CA ILE A 81 8.97 10.28 -9.42
C ILE A 81 8.25 10.67 -10.70
N GLU A 82 8.67 10.05 -11.80
CA GLU A 82 8.11 10.26 -13.14
C GLU A 82 7.79 8.86 -13.62
N TRP A 83 7.25 8.75 -14.84
CA TRP A 83 6.96 7.45 -15.40
C TRP A 83 8.30 6.82 -15.79
N SER A 84 8.33 5.50 -15.94
CA SER A 84 9.55 4.81 -16.31
C SER A 84 10.10 5.25 -17.67
N ASP A 85 9.34 6.04 -18.41
CA ASP A 85 9.79 6.52 -19.71
C ASP A 85 10.35 7.94 -19.66
N GLY A 86 10.16 8.61 -18.53
CA GLY A 86 10.68 9.96 -18.38
C GLY A 86 9.62 11.05 -18.25
N SER A 87 8.46 10.82 -18.85
CA SER A 87 7.38 11.78 -18.81
C SER A 87 6.87 11.96 -17.39
N SER A 88 6.44 13.19 -17.07
CA SER A 88 5.92 13.48 -15.76
C SER A 88 4.48 13.01 -15.64
N ILE A 89 3.98 12.96 -14.41
CA ILE A 89 2.64 12.50 -14.14
C ILE A 89 1.62 13.62 -14.25
N SER A 90 0.87 13.61 -15.36
CA SER A 90 -0.17 14.60 -15.59
C SER A 90 -1.51 13.97 -15.24
N TYR A 91 -1.76 12.79 -15.80
CA TYR A 91 -2.99 12.05 -15.55
C TYR A 91 -2.84 11.15 -14.33
N GLU A 92 -3.93 10.99 -13.58
CA GLU A 92 -3.97 10.15 -12.37
C GLU A 92 -5.35 9.54 -12.24
N ASN A 93 -5.42 8.32 -11.74
CA ASN A 93 -6.71 7.63 -11.57
C ASN A 93 -6.64 6.72 -10.34
N TRP A 94 -6.08 7.27 -9.28
CA TRP A 94 -5.89 6.57 -8.01
C TRP A 94 -7.19 6.30 -7.27
N ILE A 95 -7.25 5.13 -6.67
CA ILE A 95 -8.38 4.76 -5.83
C ILE A 95 -7.87 5.43 -4.56
N GLU A 96 -8.69 6.25 -3.92
CA GLU A 96 -8.26 6.94 -2.70
C GLU A 96 -7.62 6.02 -1.68
N GLU A 97 -8.21 4.84 -1.53
CA GLU A 97 -7.75 3.88 -0.57
C GLU A 97 -6.46 3.15 -0.94
N GLU A 98 -5.93 3.40 -2.14
CA GLU A 98 -4.69 2.75 -2.54
C GLU A 98 -3.46 3.59 -2.19
N SER A 99 -3.70 4.78 -1.62
CA SER A 99 -2.60 5.63 -1.21
C SER A 99 -2.38 5.25 0.25
N LYS A 100 -1.26 4.59 0.53
CA LYS A 100 -0.96 4.11 1.87
C LYS A 100 0.21 4.84 2.50
N LYS A 101 -0.06 6.04 3.02
CA LYS A 101 0.98 6.89 3.59
C LYS A 101 1.14 6.91 5.11
N CYS A 102 0.40 6.05 5.80
CA CYS A 102 0.45 5.95 7.26
C CYS A 102 0.90 4.54 7.62
N LEU A 103 1.77 4.40 8.62
CA LEU A 103 2.27 3.07 9.00
C LEU A 103 1.65 2.47 10.25
N GLY A 104 1.60 1.14 10.27
CA GLY A 104 1.04 0.42 11.40
C GLY A 104 1.68 -0.94 11.48
N VAL A 105 1.49 -1.63 12.61
CA VAL A 105 2.05 -2.95 12.83
C VAL A 105 0.94 -3.99 12.96
N HIS A 106 1.25 -5.22 12.56
CA HIS A 106 0.28 -6.30 12.55
C HIS A 106 0.76 -7.51 13.34
N ILE A 107 -0.20 -8.30 13.82
CA ILE A 107 0.08 -9.48 14.63
C ILE A 107 0.94 -10.54 13.95
N GLU A 108 0.90 -10.60 12.62
CA GLU A 108 1.68 -11.59 11.90
C GLU A 108 3.19 -11.35 11.89
N THR A 109 3.61 -10.18 12.36
CA THR A 109 5.04 -9.89 12.47
C THR A 109 5.32 -9.69 13.95
N GLY A 110 4.36 -10.03 14.79
CA GLY A 110 4.52 -9.85 16.21
C GLY A 110 4.48 -8.37 16.52
N PHE A 111 3.82 -7.61 15.65
CA PHE A 111 3.69 -6.17 15.79
C PHE A 111 5.03 -5.45 15.68
N HIS A 112 5.91 -5.95 14.81
CA HIS A 112 7.23 -5.34 14.63
C HIS A 112 7.41 -4.60 13.31
N LYS A 113 7.18 -5.30 12.20
CA LYS A 113 7.34 -4.72 10.86
C LYS A 113 6.34 -3.62 10.51
N TRP A 114 6.85 -2.49 10.03
CA TRP A 114 6.05 -1.33 9.67
C TRP A 114 5.41 -1.56 8.31
N GLU A 115 4.08 -1.64 8.29
CA GLU A 115 3.37 -1.85 7.04
C GLU A 115 2.63 -0.59 6.64
N ASN A 116 2.43 -0.42 5.34
CA ASN A 116 1.76 0.76 4.78
C ASN A 116 0.25 0.61 4.71
N PHE A 117 -0.47 1.55 5.30
CA PHE A 117 -1.92 1.50 5.28
C PHE A 117 -2.51 2.85 4.93
N TYR A 118 -3.71 2.80 4.34
CA TYR A 118 -4.47 3.99 4.00
C TYR A 118 -4.79 4.69 5.33
N CYS A 119 -4.49 5.98 5.43
CA CYS A 119 -4.68 6.72 6.67
C CYS A 119 -6.06 6.86 7.26
N GLU A 120 -7.08 6.81 6.42
CA GLU A 120 -8.44 7.01 6.90
C GLU A 120 -9.16 5.78 7.40
N GLN A 121 -8.43 4.71 7.69
CA GLN A 121 -9.06 3.51 8.24
C GLN A 121 -9.07 3.72 9.73
N GLN A 122 -9.92 3.00 10.44
CA GLN A 122 -9.99 3.15 11.88
C GLN A 122 -9.43 1.89 12.52
N ASP A 123 -8.40 2.05 13.33
CA ASP A 123 -7.74 0.93 13.98
C ASP A 123 -7.23 1.33 15.34
N PRO A 124 -6.84 0.35 16.15
CA PRO A 124 -6.31 0.62 17.49
C PRO A 124 -5.00 1.39 17.32
N PHE A 125 -4.48 1.93 18.41
CA PHE A 125 -3.25 2.71 18.34
C PHE A 125 -2.51 2.71 19.67
N VAL A 126 -1.32 3.28 19.67
CA VAL A 126 -0.51 3.34 20.89
C VAL A 126 0.01 4.75 21.07
N CYS A 127 -0.18 5.32 22.25
CA CYS A 127 0.30 6.66 22.55
C CYS A 127 1.56 6.54 23.41
N GLU A 128 2.44 7.51 23.26
CA GLU A 128 3.68 7.55 24.03
C GLU A 128 3.92 8.97 24.48
N ALA A 129 4.48 9.12 25.67
CA ALA A 129 4.81 10.42 26.25
C ALA A 129 6.11 10.23 27.04
N ASP B 1 3.66 2.78 -36.88
CA ASP B 1 3.37 1.44 -37.50
C ASP B 1 3.79 0.30 -36.56
N CYS B 2 2.83 -0.48 -36.08
CA CYS B 2 3.17 -1.54 -35.14
C CYS B 2 3.42 -2.91 -35.75
N PRO B 3 4.42 -3.64 -35.19
CA PRO B 3 4.81 -4.97 -35.62
C PRO B 3 3.71 -5.95 -35.25
N SER B 4 2.85 -6.27 -36.20
CA SER B 4 1.70 -7.17 -36.00
C SER B 4 1.34 -7.63 -34.60
N ASP B 5 2.22 -8.40 -33.96
CA ASP B 5 1.97 -8.92 -32.60
C ASP B 5 1.62 -7.84 -31.57
N TRP B 6 1.96 -6.59 -31.88
CA TRP B 6 1.65 -5.45 -31.01
C TRP B 6 0.32 -4.85 -31.43
N SER B 7 -0.24 -4.00 -30.58
CA SER B 7 -1.52 -3.35 -30.85
C SER B 7 -1.25 -1.84 -31.00
N SER B 8 -2.13 -1.15 -31.72
CA SER B 8 -1.93 0.27 -31.96
C SER B 8 -3.02 1.23 -31.49
N TYR B 9 -2.58 2.36 -30.99
CA TYR B 9 -3.50 3.39 -30.52
C TYR B 9 -2.82 4.74 -30.49
N GLU B 10 -3.48 5.72 -31.09
CA GLU B 10 -3.00 7.10 -31.20
C GLU B 10 -1.49 7.21 -31.44
N GLY B 11 -0.96 6.31 -32.28
CA GLY B 11 0.46 6.35 -32.63
C GLY B 11 1.42 5.65 -31.67
N HIS B 12 0.89 4.80 -30.80
CA HIS B 12 1.75 4.05 -29.87
C HIS B 12 1.36 2.58 -29.95
N CYS B 13 2.35 1.71 -29.72
CA CYS B 13 2.19 0.26 -29.76
C CYS B 13 2.16 -0.37 -28.35
N TYR B 14 1.18 -1.23 -28.09
CA TYR B 14 1.03 -1.87 -26.79
C TYR B 14 0.96 -3.39 -26.93
N LYS B 15 1.48 -4.11 -25.95
CA LYS B 15 1.43 -5.57 -25.96
C LYS B 15 1.49 -6.14 -24.54
N PRO B 16 0.45 -6.89 -24.12
CA PRO B 16 0.40 -7.50 -22.79
C PRO B 16 1.16 -8.81 -22.77
N PHE B 17 1.81 -9.10 -21.66
CA PHE B 17 2.56 -10.33 -21.50
C PHE B 17 2.01 -10.99 -20.25
N ASN B 18 2.06 -12.31 -20.17
CA ASN B 18 1.56 -12.99 -18.99
C ASN B 18 2.61 -13.85 -18.32
N GLU B 19 3.87 -13.42 -18.43
CA GLU B 19 4.98 -14.10 -17.78
C GLU B 19 5.26 -13.21 -16.57
N PRO B 20 4.72 -13.60 -15.40
CA PRO B 20 4.85 -12.89 -14.14
C PRO B 20 6.27 -12.46 -13.79
N LYS B 21 6.48 -11.15 -13.71
CA LYS B 21 7.77 -10.61 -13.34
C LYS B 21 7.49 -9.54 -12.32
N ASN B 22 8.47 -9.23 -11.49
CA ASN B 22 8.27 -8.14 -10.54
C ASN B 22 8.35 -6.87 -11.35
N TRP B 23 8.28 -5.71 -10.71
CA TRP B 23 8.31 -4.47 -11.48
C TRP B 23 9.59 -4.22 -12.24
N ALA B 24 10.71 -4.18 -11.53
CA ALA B 24 12.01 -3.92 -12.15
C ALA B 24 12.29 -4.81 -13.34
N ASP B 25 11.97 -6.10 -13.18
CA ASP B 25 12.19 -7.06 -14.24
C ASP B 25 11.27 -6.84 -15.42
N ALA B 26 10.02 -6.49 -15.14
CA ALA B 26 9.04 -6.23 -16.18
C ALA B 26 9.49 -5.01 -16.99
N GLU B 27 9.68 -3.88 -16.34
CA GLU B 27 10.13 -2.67 -17.01
C GLU B 27 11.35 -2.93 -17.88
N ASN B 28 12.31 -3.65 -17.31
CA ASN B 28 13.55 -3.99 -17.99
C ASN B 28 13.24 -4.83 -19.23
N PHE B 29 12.45 -5.87 -19.03
CA PHE B 29 12.06 -6.75 -20.12
C PHE B 29 11.38 -5.97 -21.25
N CYS B 30 10.63 -4.93 -20.92
CA CYS B 30 9.95 -4.12 -21.93
C CYS B 30 10.95 -3.49 -22.85
N THR B 31 11.91 -2.80 -22.26
CA THR B 31 12.94 -2.11 -23.02
C THR B 31 13.69 -3.03 -23.99
N GLN B 32 13.47 -4.34 -23.90
CA GLN B 32 14.14 -5.27 -24.79
C GLN B 32 13.28 -5.80 -25.92
N GLN B 33 11.97 -5.71 -25.75
CA GLN B 33 11.05 -6.18 -26.75
C GLN B 33 11.19 -5.39 -28.03
N HIS B 34 11.60 -4.13 -27.87
CA HIS B 34 11.76 -3.24 -28.99
C HIS B 34 12.32 -1.92 -28.47
N THR B 35 13.09 -1.26 -29.30
CA THR B 35 13.70 0.03 -28.97
C THR B 35 12.68 1.07 -28.48
N GLY B 36 13.05 1.76 -27.40
CA GLY B 36 12.18 2.79 -26.85
C GLY B 36 10.96 2.26 -26.12
N SER B 37 10.91 0.96 -25.88
CA SER B 37 9.78 0.36 -25.18
C SER B 37 9.97 0.46 -23.68
N HIS B 38 8.86 0.50 -22.96
CA HIS B 38 8.85 0.61 -21.51
C HIS B 38 7.54 0.02 -21.05
N LEU B 39 7.32 0.04 -19.73
CA LEU B 39 6.08 -0.41 -19.15
C LEU B 39 5.13 0.71 -19.56
N VAL B 40 3.87 0.37 -19.81
CA VAL B 40 2.90 1.37 -20.22
C VAL B 40 2.73 2.56 -19.27
N SER B 41 2.62 3.75 -19.84
CA SER B 41 2.41 4.99 -19.11
C SER B 41 1.04 5.49 -19.53
N PHE B 42 0.26 6.00 -18.57
CA PHE B 42 -1.07 6.49 -18.89
C PHE B 42 -1.13 8.00 -18.93
N GLN B 43 -1.58 8.53 -20.06
CA GLN B 43 -1.69 9.98 -20.22
C GLN B 43 -3.13 10.45 -20.34
N SER B 44 -4.06 9.51 -20.57
CA SER B 44 -5.46 9.87 -20.67
C SER B 44 -6.31 8.68 -20.31
N THR B 45 -7.60 8.92 -20.07
CA THR B 45 -8.54 7.87 -19.70
C THR B 45 -8.75 6.88 -20.83
N GLU B 46 -8.94 7.38 -22.05
CA GLU B 46 -9.18 6.47 -23.16
C GLU B 46 -7.96 5.60 -23.42
N GLU B 47 -6.76 6.15 -23.23
CA GLU B 47 -5.59 5.34 -23.43
C GLU B 47 -5.66 4.23 -22.38
N ALA B 48 -6.01 4.62 -21.16
CA ALA B 48 -6.14 3.71 -20.03
C ALA B 48 -7.18 2.65 -20.33
N ASP B 49 -8.34 3.09 -20.82
CA ASP B 49 -9.43 2.17 -21.16
C ASP B 49 -9.01 1.26 -22.29
N PHE B 50 -8.22 1.80 -23.19
CA PHE B 50 -7.75 1.03 -24.34
C PHE B 50 -6.88 -0.14 -23.89
N VAL B 51 -5.97 0.13 -22.95
CA VAL B 51 -5.05 -0.89 -22.44
C VAL B 51 -5.71 -1.89 -21.50
N VAL B 52 -6.68 -1.43 -20.70
CA VAL B 52 -7.40 -2.32 -19.79
C VAL B 52 -8.17 -3.33 -20.66
N LYS B 53 -8.97 -2.80 -21.59
CA LYS B 53 -9.74 -3.64 -22.54
C LYS B 53 -8.80 -4.65 -23.20
N LEU B 54 -7.70 -4.12 -23.73
CA LEU B 54 -6.68 -4.89 -24.42
C LEU B 54 -6.19 -6.09 -23.61
N ALA B 55 -5.60 -5.83 -22.44
CA ALA B 55 -5.09 -6.89 -21.57
C ALA B 55 -6.18 -7.87 -21.19
N PHE B 56 -7.38 -7.34 -20.98
CA PHE B 56 -8.53 -8.16 -20.61
C PHE B 56 -8.90 -9.13 -21.71
N GLN B 57 -9.22 -8.62 -22.91
CA GLN B 57 -9.59 -9.49 -24.01
C GLN B 57 -8.52 -10.55 -24.28
N THR B 58 -7.29 -10.26 -23.89
CA THR B 58 -6.19 -11.18 -24.10
C THR B 58 -6.03 -12.25 -23.03
N PHE B 59 -5.61 -11.84 -21.83
CA PHE B 59 -5.39 -12.77 -20.74
C PHE B 59 -6.44 -12.75 -19.64
N ASP B 60 -7.60 -12.16 -19.92
CA ASP B 60 -8.68 -12.07 -18.95
C ASP B 60 -8.17 -11.46 -17.65
N TYR B 61 -8.69 -11.88 -16.50
CA TYR B 61 -8.25 -11.33 -15.21
C TYR B 61 -6.79 -11.59 -14.87
N GLY B 62 -6.17 -10.56 -14.30
CA GLY B 62 -4.79 -10.61 -13.87
C GLY B 62 -4.46 -9.22 -13.37
N ILE B 63 -3.29 -9.07 -12.76
CA ILE B 63 -2.87 -7.77 -12.27
C ILE B 63 -1.68 -7.35 -13.13
N PHE B 64 -1.76 -6.15 -13.69
CA PHE B 64 -0.74 -5.66 -14.58
C PHE B 64 -0.01 -4.43 -14.08
N TRP B 65 1.31 -4.46 -14.17
CA TRP B 65 2.16 -3.36 -13.75
C TRP B 65 2.03 -2.20 -14.75
N MET B 66 2.32 -0.99 -14.27
CA MET B 66 2.35 0.22 -15.09
C MET B 66 3.66 0.91 -14.71
N GLY B 67 4.11 1.87 -15.52
CA GLY B 67 5.38 2.51 -15.26
C GLY B 67 5.62 3.41 -14.06
N LEU B 68 5.19 2.99 -12.87
CA LEU B 68 5.39 3.78 -11.66
C LEU B 68 5.98 2.87 -10.58
N SER B 69 7.13 3.25 -10.04
CA SER B 69 7.80 2.45 -9.03
C SER B 69 8.34 3.36 -7.94
N LYS B 70 8.69 2.75 -6.80
CA LYS B 70 9.23 3.47 -5.66
C LYS B 70 8.45 4.77 -5.45
N ILE B 71 7.12 4.63 -5.42
CA ILE B 71 6.22 5.76 -5.31
C ILE B 71 6.21 6.59 -4.03
N TRP B 72 6.65 6.04 -2.91
CA TRP B 72 6.64 6.82 -1.68
C TRP B 72 8.01 6.85 -1.02
N ASN B 73 8.97 6.17 -1.63
CA ASN B 73 10.32 6.10 -1.08
C ASN B 73 10.91 7.46 -0.87
N GLN B 74 10.50 8.43 -1.67
CA GLN B 74 11.04 9.76 -1.51
C GLN B 74 10.09 10.75 -0.84
N CYS B 75 9.05 10.25 -0.18
CA CYS B 75 8.11 11.14 0.51
C CYS B 75 8.80 11.60 1.79
N ASN B 76 8.20 12.52 2.53
CA ASN B 76 8.83 13.00 3.74
C ASN B 76 8.24 12.29 4.95
N TRP B 77 8.87 11.18 5.31
CA TRP B 77 8.43 10.40 6.43
C TRP B 77 9.00 11.00 7.69
N GLN B 78 8.16 11.17 8.70
CA GLN B 78 8.61 11.71 9.96
C GLN B 78 7.64 11.32 11.06
N TRP B 79 8.17 11.19 12.28
CA TRP B 79 7.34 10.83 13.42
C TRP B 79 6.51 12.05 13.80
N SER B 80 5.34 11.82 14.38
CA SER B 80 4.50 12.92 14.78
C SER B 80 5.10 13.73 15.94
N ASN B 81 6.01 13.12 16.69
CA ASN B 81 6.65 13.80 17.80
C ASN B 81 7.96 14.45 17.37
N ALA B 82 8.20 14.45 16.06
CA ALA B 82 9.39 15.03 15.46
C ALA B 82 10.68 14.30 15.79
N ALA B 83 10.60 13.09 16.33
CA ALA B 83 11.81 12.35 16.65
C ALA B 83 12.57 12.10 15.36
N MET B 84 13.80 11.62 15.48
CA MET B 84 14.60 11.38 14.31
C MET B 84 14.33 10.01 13.69
N LEU B 85 14.13 9.96 12.38
CA LEU B 85 13.91 8.69 11.72
C LEU B 85 15.27 8.09 11.39
N LYS B 86 15.75 7.21 12.27
CA LYS B 86 17.01 6.52 12.08
C LYS B 86 16.63 5.05 12.00
N TYR B 87 16.25 4.47 13.13
CA TYR B 87 15.83 3.08 13.17
C TYR B 87 14.61 2.91 12.29
N THR B 88 14.67 1.94 11.39
CA THR B 88 13.56 1.66 10.50
C THR B 88 13.37 0.16 10.49
N ASP B 89 12.16 -0.26 10.13
CA ASP B 89 11.83 -1.66 10.03
C ASP B 89 10.67 -1.83 9.06
N TRP B 90 10.89 -1.44 7.82
CA TRP B 90 9.86 -1.55 6.80
C TRP B 90 9.59 -3.01 6.47
N ALA B 91 8.30 -3.35 6.32
CA ALA B 91 7.91 -4.71 5.95
C ALA B 91 8.26 -4.87 4.48
N GLU B 92 7.89 -3.86 3.69
CA GLU B 92 8.16 -3.85 2.26
C GLU B 92 9.03 -2.65 1.95
N GLU B 93 9.98 -2.85 1.06
CA GLU B 93 10.90 -1.78 0.70
C GLU B 93 10.34 -0.72 -0.26
N SER B 94 9.60 -1.15 -1.28
CA SER B 94 9.07 -0.22 -2.25
C SER B 94 7.69 -0.61 -2.70
N TYR B 95 6.91 0.39 -3.08
CA TYR B 95 5.58 0.16 -3.60
C TYR B 95 5.55 0.64 -5.03
N CYS B 96 4.84 -0.12 -5.86
CA CYS B 96 4.71 0.16 -7.28
C CYS B 96 3.21 0.21 -7.62
N VAL B 97 2.89 0.72 -8.80
CA VAL B 97 1.49 0.85 -9.24
C VAL B 97 1.13 -0.20 -10.29
N TYR B 98 -0.12 -0.66 -10.24
CA TYR B 98 -0.63 -1.68 -11.14
C TYR B 98 -2.13 -1.50 -11.32
N PHE B 99 -2.73 -2.36 -12.15
CA PHE B 99 -4.17 -2.33 -12.40
C PHE B 99 -4.72 -3.72 -12.66
N LYS B 100 -6.01 -3.91 -12.42
CA LYS B 100 -6.68 -5.18 -12.66
C LYS B 100 -7.25 -5.06 -14.07
N SER B 101 -7.26 -6.16 -14.82
CA SER B 101 -7.79 -6.12 -16.18
C SER B 101 -9.31 -5.88 -16.21
N THR B 102 -9.93 -5.82 -15.03
CA THR B 102 -11.37 -5.61 -14.95
C THR B 102 -11.84 -4.16 -14.78
N ASN B 103 -10.94 -3.25 -14.40
CA ASN B 103 -11.29 -1.84 -14.25
C ASN B 103 -10.00 -1.03 -14.33
N ASN B 104 -10.09 0.24 -14.72
CA ASN B 104 -8.89 1.05 -14.92
C ASN B 104 -8.31 1.87 -13.77
N LYS B 105 -8.74 1.62 -12.54
CA LYS B 105 -8.25 2.40 -11.40
C LYS B 105 -6.83 2.00 -11.00
N TRP B 106 -6.06 2.94 -10.46
CA TRP B 106 -4.69 2.68 -10.04
C TRP B 106 -4.66 2.10 -8.63
N ARG B 107 -3.82 1.08 -8.44
CA ARG B 107 -3.66 0.41 -7.15
C ARG B 107 -2.18 0.31 -6.81
N SER B 108 -1.87 0.01 -5.54
CA SER B 108 -0.49 -0.12 -5.11
C SER B 108 -0.22 -1.47 -4.45
N ILE B 109 1.01 -1.96 -4.64
CA ILE B 109 1.45 -3.24 -4.07
C ILE B 109 2.98 -3.22 -4.09
N THR B 110 3.61 -3.96 -3.19
CA THR B 110 5.06 -4.00 -3.11
C THR B 110 5.64 -4.33 -4.46
N CYS B 111 6.73 -3.66 -4.82
CA CYS B 111 7.39 -3.85 -6.11
C CYS B 111 7.90 -5.26 -6.36
N ARG B 112 8.07 -6.04 -5.29
CA ARG B 112 8.55 -7.41 -5.40
C ARG B 112 7.45 -8.37 -5.84
N MET B 113 6.21 -7.91 -5.85
CA MET B 113 5.12 -8.77 -6.25
C MET B 113 5.29 -9.22 -7.69
N ILE B 114 4.83 -10.42 -7.98
CA ILE B 114 4.90 -10.98 -9.31
C ILE B 114 3.63 -10.55 -10.03
N ALA B 115 3.79 -9.96 -11.21
CA ALA B 115 2.62 -9.51 -11.94
C ALA B 115 2.84 -9.53 -13.45
N ASN B 116 1.74 -9.49 -14.18
CA ASN B 116 1.77 -9.43 -15.63
C ASN B 116 2.13 -8.00 -15.91
N PHE B 117 2.19 -7.64 -17.19
CA PHE B 117 2.52 -6.28 -17.55
C PHE B 117 2.16 -5.96 -18.99
N VAL B 118 2.27 -4.69 -19.33
CA VAL B 118 2.00 -4.22 -20.68
C VAL B 118 3.13 -3.26 -21.04
N CYS B 119 3.73 -3.49 -22.21
CA CYS B 119 4.80 -2.64 -22.69
C CYS B 119 4.23 -1.67 -23.72
N GLU B 120 4.86 -0.51 -23.86
CA GLU B 120 4.44 0.51 -24.80
C GLU B 120 5.64 1.21 -25.42
N PHE B 121 5.50 1.61 -26.68
CA PHE B 121 6.54 2.36 -27.37
C PHE B 121 5.93 3.23 -28.46
N GLN B 122 6.70 4.22 -28.88
CA GLN B 122 6.26 5.18 -29.88
C GLN B 122 6.76 4.92 -31.30
N ALA B 123 6.00 5.45 -32.26
CA ALA B 123 6.28 5.38 -33.69
C ALA B 123 6.24 3.96 -34.28
N ALA C 1 -6.06 -12.99 4.56
CA ALA C 1 -4.63 -12.88 4.99
C ALA C 1 -3.79 -13.05 3.74
N ASN C 2 -2.62 -12.43 3.73
CA ASN C 2 -1.76 -12.51 2.56
C ASN C 2 -0.50 -13.34 2.73
N SER C 3 -0.28 -14.33 1.88
CA SER C 3 0.93 -15.11 1.94
C SER C 3 1.90 -14.33 1.03
N PHE C 4 3.02 -14.92 0.65
CA PHE C 4 3.98 -14.19 -0.18
C PHE C 4 3.52 -13.74 -1.57
N LEU C 5 2.85 -14.65 -2.29
CA LEU C 5 2.39 -14.36 -3.66
C LEU C 5 0.90 -14.56 -3.88
N CGU C 6 0.11 -14.69 -2.81
CA CGU C 6 -1.31 -14.93 -2.98
C CGU C 6 -2.04 -13.79 -3.68
O CGU C 6 -2.98 -14.04 -4.44
CB CGU C 6 -1.98 -15.20 -1.64
CG CGU C 6 -3.48 -15.53 -1.72
CD1 CGU C 6 -4.30 -14.41 -1.07
CD2 CGU C 6 -3.73 -16.94 -1.16
OE11 CGU C 6 -4.01 -14.05 0.09
OE12 CGU C 6 -5.23 -13.88 -1.70
OE21 CGU C 6 -3.07 -17.88 -1.64
OE22 CGU C 6 -4.58 -17.11 -0.25
N CGU C 7 -1.55 -12.58 -3.54
CA CGU C 7 -2.21 -11.42 -4.14
C CGU C 7 -2.25 -11.32 -5.66
O CGU C 7 -2.79 -10.37 -6.22
CB CGU C 7 -1.71 -10.15 -3.48
CG CGU C 7 -2.23 -10.22 -2.04
CD1 CGU C 7 -3.75 -10.16 -2.03
CD2 CGU C 7 -1.53 -9.18 -1.20
OE11 CGU C 7 -4.39 -11.14 -1.61
OE12 CGU C 7 -4.34 -9.14 -2.47
OE21 CGU C 7 -0.37 -9.45 -0.82
OE22 CGU C 7 -2.11 -8.12 -0.95
N VAL C 8 -1.69 -12.32 -6.31
CA VAL C 8 -1.70 -12.42 -7.75
C VAL C 8 -3.10 -12.88 -8.13
N LYS C 9 -3.69 -13.73 -7.29
CA LYS C 9 -5.01 -14.29 -7.50
C LYS C 9 -6.13 -13.29 -7.36
N GLN C 10 -7.27 -13.63 -7.92
CA GLN C 10 -8.47 -12.83 -7.84
C GLN C 10 -8.92 -12.97 -6.39
N GLY C 11 -9.43 -11.90 -5.80
CA GLY C 11 -9.90 -11.99 -4.42
C GLY C 11 -11.04 -13.00 -4.28
N ASN C 12 -11.28 -13.46 -3.06
CA ASN C 12 -12.36 -14.41 -2.79
C ASN C 12 -12.77 -14.36 -1.32
N LEU C 13 -14.04 -14.02 -1.08
CA LEU C 13 -14.56 -13.91 0.28
C LEU C 13 -14.33 -15.14 1.14
N CGU C 14 -14.66 -16.31 0.62
CA CGU C 14 -14.48 -17.51 1.41
C CGU C 14 -13.03 -17.75 1.77
O CGU C 14 -12.67 -17.84 2.94
CB CGU C 14 -15.05 -18.72 0.67
CG CGU C 14 -15.06 -20.02 1.50
CD1 CGU C 14 -15.54 -21.19 0.64
CD2 CGU C 14 -15.89 -19.83 2.77
OE11 CGU C 14 -15.80 -21.01 -0.55
OE12 CGU C 14 -15.67 -22.28 1.20
OE21 CGU C 14 -15.59 -20.49 3.79
OE22 CGU C 14 -16.86 -19.06 2.74
N ARG C 15 -12.16 -17.75 0.75
CA ARG C 15 -10.75 -18.01 0.95
C ARG C 15 -10.00 -17.00 1.81
N CGU C 16 -10.31 -15.72 1.64
CA CGU C 16 -9.62 -14.65 2.35
C CGU C 16 -10.19 -14.13 3.66
O CGU C 16 -9.42 -13.74 4.55
CB CGU C 16 -9.44 -13.47 1.41
CG CGU C 16 -8.64 -13.79 0.16
CD1 CGU C 16 -7.31 -14.44 0.57
CD2 CGU C 16 -8.54 -12.53 -0.70
OE11 CGU C 16 -7.09 -15.62 0.26
OE12 CGU C 16 -6.52 -13.79 1.27
OE21 CGU C 16 -9.58 -12.10 -1.22
OE22 CGU C 16 -7.44 -11.95 -0.85
N CYS C 17 -11.52 -14.08 3.77
CA CYS C 17 -12.16 -13.56 4.97
C CYS C 17 -12.86 -14.54 5.89
N LEU C 18 -13.28 -15.69 5.36
CA LEU C 18 -13.95 -16.70 6.17
C LEU C 18 -13.04 -17.87 6.53
N CGU C 19 -12.20 -18.30 5.60
CA CGU C 19 -11.28 -19.38 5.91
C CGU C 19 -9.99 -18.79 6.47
O CGU C 19 -9.14 -19.52 6.97
CB CGU C 19 -11.02 -20.26 4.68
CG CGU C 19 -12.18 -21.17 4.25
CD1 CGU C 19 -12.51 -22.20 5.33
CD2 CGU C 19 -11.88 -21.83 2.92
OE11 CGU C 19 -11.64 -22.51 6.17
OE12 CGU C 19 -13.64 -22.73 5.30
OE21 CGU C 19 -12.67 -22.73 2.53
OE22 CGU C 19 -10.89 -21.47 2.27
N CGU C 20 -9.86 -17.46 6.41
CA CGU C 20 -8.69 -16.74 6.93
C CGU C 20 -9.24 -15.43 7.52
O CGU C 20 -10.43 -15.15 7.39
CB CGU C 20 -7.69 -16.41 5.81
CG CGU C 20 -6.99 -17.50 4.96
CD1 CGU C 20 -6.06 -18.35 5.83
CD2 CGU C 20 -6.25 -16.89 3.78
OE11 CGU C 20 -5.71 -19.47 5.40
OE12 CGU C 20 -5.65 -17.90 6.91
OE21 CGU C 20 -5.63 -17.65 3.01
OE22 CGU C 20 -6.25 -15.66 3.61
N ALA C 21 -8.39 -14.66 8.19
CA ALA C 21 -8.81 -13.37 8.73
C ALA C 21 -8.36 -12.40 7.64
N CYS C 22 -9.20 -11.43 7.30
CA CYS C 22 -8.82 -10.49 6.25
C CYS C 22 -8.86 -9.07 6.73
N SER C 23 -8.07 -8.22 6.09
CA SER C 23 -8.02 -6.81 6.42
C SER C 23 -9.14 -6.11 5.67
N LEU C 24 -9.33 -4.84 5.99
CA LEU C 24 -10.34 -4.04 5.33
C LEU C 24 -10.06 -3.96 3.83
N CGU C 25 -8.78 -3.82 3.46
CA CGU C 25 -8.44 -3.74 2.05
C CGU C 25 -8.72 -5.03 1.30
O CGU C 25 -9.27 -5.00 0.20
CB CGU C 25 -7.01 -3.30 1.81
CG CGU C 25 -6.64 -3.16 0.32
CD1 CGU C 25 -5.18 -2.77 0.13
CD2 CGU C 25 -7.59 -2.20 -0.38
OE11 CGU C 25 -4.81 -2.54 -1.03
OE12 CGU C 25 -4.41 -2.72 1.11
OE21 CGU C 25 -7.74 -2.35 -1.59
OE22 CGU C 25 -8.14 -1.28 0.26
N CGU C 26 -8.37 -6.16 1.89
CA CGU C 26 -8.61 -7.45 1.25
C CGU C 26 -10.08 -7.63 0.98
O CGU C 26 -10.46 -8.19 -0.05
CB CGU C 26 -8.10 -8.59 2.12
CG CGU C 26 -6.59 -8.74 2.26
CD1 CGU C 26 -5.93 -8.70 0.88
CD2 CGU C 26 -6.31 -9.97 3.11
OE11 CGU C 26 -5.23 -7.71 0.58
OE12 CGU C 26 -6.15 -9.64 0.09
OE21 CGU C 26 -6.24 -9.82 4.33
OE22 CGU C 26 -6.19 -11.08 2.55
N ALA C 27 -10.91 -7.19 1.93
CA ALA C 27 -12.36 -7.26 1.79
C ALA C 27 -12.79 -6.31 0.68
N ARG C 28 -12.20 -5.11 0.65
CA ARG C 28 -12.55 -4.13 -0.40
C ARG C 28 -12.17 -4.65 -1.78
N CGU C 29 -11.08 -5.40 -1.87
CA CGU C 29 -10.64 -6.00 -3.11
C CGU C 29 -11.65 -7.07 -3.56
O CGU C 29 -11.75 -7.39 -4.74
CB CGU C 29 -9.26 -6.63 -2.92
CG CGU C 29 -8.09 -5.66 -2.94
CD1 CGU C 29 -7.82 -5.23 -4.37
CD2 CGU C 29 -6.86 -6.26 -2.26
OE11 CGU C 29 -7.96 -6.07 -5.28
OE12 CGU C 29 -7.40 -4.06 -4.57
OE21 CGU C 29 -6.78 -7.48 -2.07
OE22 CGU C 29 -5.94 -5.46 -1.95
N VAL C 30 -12.35 -7.67 -2.60
CA VAL C 30 -13.32 -8.68 -2.92
C VAL C 30 -14.59 -8.04 -3.46
N PHE C 31 -15.12 -7.06 -2.73
CA PHE C 31 -16.34 -6.37 -3.11
C PHE C 31 -16.18 -5.25 -4.13
N CGU C 32 -15.11 -4.49 -4.01
CA CGU C 32 -14.85 -3.35 -4.87
C CGU C 32 -15.82 -2.23 -4.41
O CGU C 32 -15.38 -1.17 -3.96
CB CGU C 32 -14.98 -3.72 -6.35
CG CGU C 32 -13.79 -3.57 -7.33
CD1 CGU C 32 -13.63 -4.79 -8.23
CD2 CGU C 32 -12.52 -3.22 -6.57
OE11 CGU C 32 -12.60 -4.85 -8.95
OE12 CGU C 32 -14.50 -5.68 -8.24
OE21 CGU C 32 -11.85 -4.13 -6.06
OE22 CGU C 32 -12.22 -2.00 -6.50
N ASP C 33 -17.12 -2.51 -4.40
CA ASP C 33 -18.13 -1.53 -3.96
C ASP C 33 -18.09 -1.19 -2.47
N ALA C 34 -17.79 0.08 -2.18
CA ALA C 34 -17.69 0.57 -0.81
C ALA C 34 -18.80 0.21 0.18
N CGU C 35 -20.07 0.45 -0.17
CA CGU C 35 -21.16 0.13 0.74
C CGU C 35 -21.22 -1.36 1.06
O CGU C 35 -21.50 -1.76 2.19
CB CGU C 35 -22.51 0.61 0.21
CG CGU C 35 -23.68 0.56 1.22
CD1 CGU C 35 -25.01 0.82 0.49
CD2 CGU C 35 -23.43 1.51 2.41
OE11 CGU C 35 -25.04 1.68 -0.42
OE12 CGU C 35 -26.02 0.17 0.87
OE21 CGU C 35 -23.92 1.20 3.52
OE22 CGU C 35 -22.76 2.56 2.23
N GLN C 36 -20.95 -2.19 0.06
CA GLN C 36 -20.96 -3.62 0.29
C GLN C 36 -19.83 -3.93 1.27
N THR C 37 -18.69 -3.30 1.07
CA THR C 37 -17.54 -3.51 1.96
C THR C 37 -17.92 -3.08 3.38
N ASP C 38 -18.69 -2.00 3.50
CA ASP C 38 -19.13 -1.52 4.81
C ASP C 38 -20.05 -2.54 5.45
N CGU C 39 -21.08 -2.94 4.72
CA CGU C 39 -22.04 -3.91 5.20
C CGU C 39 -21.36 -5.12 5.80
O CGU C 39 -21.65 -5.52 6.94
CB CGU C 39 -22.93 -4.37 4.03
CG CGU C 39 -24.36 -3.84 3.87
CD1 CGU C 39 -24.60 -3.49 2.40
CD2 CGU C 39 -24.67 -2.73 4.89
OE11 CGU C 39 -24.04 -4.18 1.53
OE12 CGU C 39 -25.37 -2.54 2.12
OE21 CGU C 39 -25.48 -2.96 5.80
OE22 CGU C 39 -24.11 -1.61 4.75
N PHE C 40 -20.41 -5.67 5.06
CA PHE C 40 -19.69 -6.83 5.51
C PHE C 40 -18.76 -6.54 6.68
N TRP C 41 -17.96 -5.49 6.56
CA TRP C 41 -16.99 -5.17 7.61
C TRP C 41 -17.61 -4.90 8.98
N SER C 42 -18.76 -4.25 8.99
CA SER C 42 -19.46 -3.91 10.23
C SER C 42 -19.97 -5.15 10.97
N LYS C 43 -20.11 -6.25 10.24
CA LYS C 43 -20.59 -7.50 10.82
C LYS C 43 -19.46 -8.52 10.88
N TYR C 44 -18.21 -8.05 10.79
CA TYR C 44 -17.05 -8.92 10.78
C TYR C 44 -16.27 -8.88 12.08
CA CA D . 9.82 6.72 21.14
CA CA E . 12.65 12.56 -10.13
CA CA F . 7.14 10.02 35.76
CA CA G . 1.41 6.51 -22.95
CA CA H . -6.01 -3.13 -2.94
CA CA I . -4.13 -6.95 -1.46
CA CA J . -6.73 -9.96 -2.27
CA CA K . -5.37 -11.96 0.39
CA CA L . -4.96 -15.65 1.57
CA CA M . -5.69 -20.11 3.05
CA CA N . -14.98 -22.76 3.36
CA CA O . -25.65 -0.43 3.21
#